data_4CH3
#
_entry.id   4CH3
#
_cell.length_a   105.257
_cell.length_b   105.257
_cell.length_c   71.382
_cell.angle_alpha   90.00
_cell.angle_beta   90.00
_cell.angle_gamma   120.00
#
_symmetry.space_group_name_H-M   'P 64'
#
loop_
_entity.id
_entity.type
_entity.pdbx_description
1 polymer 'PYRROLYSINE--TRNA LIGASE'
2 non-polymer "5'-O-({[(2R)-2-amino-6-(butanoylamino)hexanoyl]oxy}phosphinato)adenosine"
3 non-polymer 'MAGNESIUM ION'
4 non-polymer 1,2-ETHANEDIOL
5 water water
#
_entity_poly.entity_id   1
_entity_poly.type   'polypeptide(L)'
_entity_poly.pdbx_seq_one_letter_code
;MGSSHHHHHHSSGLVPRGSHMASAPALTKSQTDRLEVLLNPKDEISLNSGKPFRELESELLSRRKKDLQQIYAEERENYL
GKLEREITRFFVDRGFLEIKSPILIPLEYIERMGIDNDTELSKQIFRVDKNFCLRPMLAPNLYNYLRKLDRALPDPIKIF
EIGPCYRKESDGKEHLEEFTMLNFCQMGSGCTRENLESIITDFLNHLGIDFKIVGDSCMVYGDTLDVMHGDLELSSAVVG
PIPLDREWGIDKPWIGAGFGLERLLKVKHDFKNIKRAARSESYYNGISTNL
;
_entity_poly.pdbx_strand_id   A
#
loop_
_chem_comp.id
_chem_comp.type
_chem_comp.name
_chem_comp.formula
EDO non-polymer 1,2-ETHANEDIOL 'C2 H6 O2'
MG non-polymer 'MAGNESIUM ION' 'Mg 2'
YLB non-polymer 5'-O-({[(2R)-2-amino-6-(butanoylamino)hexanoyl]oxy}phosphinato)adenosine 'C20 H32 N7 O9 P'
#
# COMPACT_ATOMS: atom_id res chain seq x y z
N PRO A 25 42.27 -7.51 0.55
CA PRO A 25 41.60 -6.91 1.69
C PRO A 25 40.07 -6.99 1.56
N ALA A 26 39.41 -7.53 2.58
CA ALA A 26 37.96 -7.66 2.59
C ALA A 26 37.27 -6.28 2.54
N LEU A 27 36.05 -6.26 2.06
CA LEU A 27 35.25 -5.04 2.05
C LEU A 27 34.91 -4.67 3.46
N THR A 28 34.90 -3.38 3.77
CA THR A 28 34.39 -2.94 5.06
C THR A 28 32.86 -2.99 5.04
N LYS A 29 32.26 -2.97 6.21
CA LYS A 29 30.82 -2.92 6.31
C LYS A 29 30.23 -1.66 5.61
N SER A 30 30.90 -0.51 5.74
CA SER A 30 30.42 0.72 5.08
C SER A 30 30.46 0.59 3.56
N GLN A 31 31.53 -0.02 3.07
CA GLN A 31 31.69 -0.29 1.64
C GLN A 31 30.59 -1.22 1.17
N THR A 32 30.36 -2.29 1.90
CA THR A 32 29.28 -3.24 1.58
C THR A 32 27.92 -2.54 1.56
N ASP A 33 27.66 -1.63 2.49
CA ASP A 33 26.40 -0.88 2.49
C ASP A 33 26.27 -0.03 1.22
N ARG A 34 27.38 0.57 0.78
CA ARG A 34 27.40 1.41 -0.42
C ARG A 34 27.07 0.57 -1.64
N LEU A 35 27.69 -0.59 -1.77
CA LEU A 35 27.42 -1.45 -2.92
C LEU A 35 25.97 -1.95 -2.95
N GLU A 36 25.39 -2.18 -1.76
CA GLU A 36 24.03 -2.68 -1.67
C GLU A 36 22.97 -1.66 -2.12
N VAL A 37 23.28 -0.38 -1.94
CA VAL A 37 22.46 0.71 -2.44
C VAL A 37 22.40 0.62 -3.95
N LEU A 38 23.53 0.25 -4.54
CA LEU A 38 23.66 0.16 -5.99
C LEU A 38 23.23 -1.16 -6.56
N LEU A 39 23.05 -2.16 -5.70
CA LEU A 39 22.79 -3.52 -6.17
C LEU A 39 21.32 -3.64 -6.55
N ASN A 40 21.06 -4.39 -7.60
CA ASN A 40 19.67 -4.77 -7.95
C ASN A 40 19.52 -6.27 -7.77
N PRO A 41 18.30 -6.72 -7.46
CA PRO A 41 18.00 -8.15 -7.20
C PRO A 41 18.61 -9.14 -8.23
N LYS A 42 18.40 -8.87 -9.52
CA LYS A 42 18.87 -9.78 -10.58
C LYS A 42 20.29 -9.51 -11.11
N ASP A 43 21.11 -8.75 -10.39
CA ASP A 43 22.49 -8.47 -10.84
C ASP A 43 23.37 -9.73 -10.89
N GLU A 44 23.23 -10.60 -9.88
CA GLU A 44 23.97 -11.85 -9.81
C GLU A 44 25.47 -11.65 -10.04
N ILE A 45 26.13 -11.03 -9.06
CA ILE A 45 27.60 -10.91 -9.06
C ILE A 45 28.17 -11.15 -7.65
N SER A 46 29.37 -11.73 -7.58
CA SER A 46 30.00 -12.11 -6.31
C SER A 46 30.65 -10.90 -5.63
N LEU A 47 30.19 -10.58 -4.42
CA LEU A 47 30.83 -9.57 -3.56
C LEU A 47 32.04 -10.15 -2.81
N ASN A 48 32.20 -11.48 -2.83
CA ASN A 48 33.38 -12.14 -2.31
C ASN A 48 34.13 -12.86 -3.44
N SER A 49 34.96 -12.11 -4.16
CA SER A 49 35.70 -12.65 -5.32
C SER A 49 37.02 -11.93 -5.64
N GLY A 50 37.60 -11.22 -4.65
CA GLY A 50 38.93 -10.62 -4.79
C GLY A 50 39.07 -9.28 -5.50
N LYS A 51 37.98 -8.75 -6.04
CA LYS A 51 38.03 -7.50 -6.80
C LYS A 51 37.84 -6.30 -5.84
N PRO A 52 38.63 -5.22 -6.01
CA PRO A 52 38.57 -4.09 -5.08
C PRO A 52 37.26 -3.28 -5.14
N PHE A 53 36.93 -2.66 -4.01
CA PHE A 53 35.73 -1.82 -3.88
C PHE A 53 35.55 -0.86 -5.04
N ARG A 54 36.62 -0.17 -5.41
CA ARG A 54 36.57 0.89 -6.41
C ARG A 54 36.07 0.35 -7.75
N GLU A 55 36.53 -0.85 -8.14
CA GLU A 55 36.04 -1.49 -9.36
C GLU A 55 34.62 -2.03 -9.25
N LEU A 56 34.30 -2.65 -8.12
CA LEU A 56 32.92 -3.14 -7.89
C LEU A 56 31.94 -1.97 -7.93
N GLU A 57 32.30 -0.86 -7.29
CA GLU A 57 31.45 0.34 -7.28
C GLU A 57 31.25 0.93 -8.68
N SER A 58 32.34 0.99 -9.43
CA SER A 58 32.33 1.56 -10.76
C SER A 58 31.50 0.71 -11.73
N GLU A 59 31.57 -0.62 -11.60
CA GLU A 59 30.73 -1.52 -12.41
C GLU A 59 29.24 -1.31 -12.13
N LEU A 60 28.87 -1.19 -10.86
CA LEU A 60 27.47 -1.02 -10.48
C LEU A 60 26.91 0.33 -10.87
N LEU A 61 27.69 1.40 -10.66
CA LEU A 61 27.31 2.75 -11.12
C LEU A 61 27.07 2.74 -12.62
N SER A 62 27.92 2.07 -13.35
CA SER A 62 27.74 1.96 -14.78
C SER A 62 26.42 1.26 -15.11
N ARG A 63 26.10 0.15 -14.43
CA ARG A 63 24.86 -0.55 -14.73
C ARG A 63 23.62 0.27 -14.34
N ARG A 64 23.70 0.99 -13.23
CA ARG A 64 22.53 1.72 -12.75
C ARG A 64 22.25 2.94 -13.63
N LYS A 65 23.29 3.57 -14.15
CA LYS A 65 23.13 4.62 -15.14
C LYS A 65 22.47 4.08 -16.40
N LYS A 66 22.91 2.91 -16.85
CA LYS A 66 22.32 2.25 -18.01
C LYS A 66 20.81 2.01 -17.78
N ASP A 67 20.45 1.51 -16.60
CA ASP A 67 19.04 1.27 -16.24
C ASP A 67 18.22 2.57 -16.36
N LEU A 68 18.75 3.65 -15.82
CA LEU A 68 18.00 4.90 -15.86
C LEU A 68 17.87 5.39 -17.30
N GLN A 69 18.93 5.21 -18.08
CA GLN A 69 18.92 5.59 -19.48
C GLN A 69 17.89 4.82 -20.27
N GLN A 70 17.77 3.52 -19.99
CA GLN A 70 16.79 2.67 -20.66
C GLN A 70 15.36 3.13 -20.35
N ILE A 71 15.08 3.43 -19.07
CA ILE A 71 13.76 3.91 -18.69
C ILE A 71 13.45 5.24 -19.41
N TYR A 72 14.43 6.13 -19.42
CA TYR A 72 14.23 7.47 -20.01
C TYR A 72 13.98 7.35 -21.52
N ALA A 73 14.68 6.42 -22.17
CA ALA A 73 14.55 6.28 -23.62
C ALA A 73 13.25 5.56 -24.01
N GLU A 74 12.78 4.65 -23.15
CA GLU A 74 11.66 3.76 -23.48
C GLU A 74 10.37 4.13 -22.74
N GLU A 75 10.18 3.70 -21.52
CA GLU A 75 8.85 3.84 -20.92
C GLU A 75 8.58 5.20 -20.22
N ARG A 76 9.52 5.65 -19.41
CA ARG A 76 9.42 6.94 -18.71
C ARG A 76 8.37 6.99 -17.58
N GLU A 77 7.80 5.85 -17.20
CA GLU A 77 6.80 5.81 -16.14
C GLU A 77 7.40 5.44 -14.80
N ASN A 78 6.91 6.10 -13.78
CA ASN A 78 7.24 5.78 -12.43
C ASN A 78 6.45 4.53 -12.01
N TYR A 79 7.10 3.61 -11.31
CA TYR A 79 6.43 2.36 -10.86
C TYR A 79 5.20 2.60 -10.00
N LEU A 80 5.29 3.55 -9.09
CA LEU A 80 4.19 3.85 -8.18
C LEU A 80 3.01 4.46 -8.94
N GLY A 81 3.27 5.42 -9.83
CA GLY A 81 2.19 6.01 -10.66
C GLY A 81 1.59 4.96 -11.58
N LYS A 82 2.43 4.13 -12.18
CA LYS A 82 1.96 3.09 -13.04
C LYS A 82 1.13 1.96 -12.33
N LEU A 83 1.58 1.51 -11.18
CA LEU A 83 0.77 0.62 -10.34
C LEU A 83 -0.59 1.23 -10.04
N GLU A 84 -0.60 2.49 -9.68
CA GLU A 84 -1.84 3.19 -9.39
C GLU A 84 -2.80 3.19 -10.59
N ARG A 85 -2.29 3.41 -11.80
CA ARG A 85 -3.14 3.40 -12.99
C ARG A 85 -3.64 1.99 -13.33
N GLU A 86 -2.77 1.00 -13.15
CA GLU A 86 -3.18 -0.39 -13.40
C GLU A 86 -4.26 -0.83 -12.40
N ILE A 87 -4.11 -0.46 -11.14
CA ILE A 87 -5.09 -0.81 -10.13
C ILE A 87 -6.44 -0.12 -10.37
N THR A 88 -6.37 1.17 -10.75
CA THR A 88 -7.52 1.98 -11.07
C THR A 88 -8.33 1.34 -12.22
N ARG A 89 -7.63 0.92 -13.26
CA ARG A 89 -8.30 0.28 -14.39
CA ARG A 89 -8.27 0.26 -14.40
C ARG A 89 -8.99 -1.04 -13.94
N PHE A 90 -8.30 -1.84 -13.10
CA PHE A 90 -8.83 -3.09 -12.62
C PHE A 90 -10.17 -2.87 -11.93
N PHE A 91 -10.23 -1.92 -10.99
CA PHE A 91 -11.44 -1.71 -10.20
C PHE A 91 -12.56 -0.97 -10.92
N VAL A 92 -12.20 -0.05 -11.79
CA VAL A 92 -13.17 0.61 -12.65
C VAL A 92 -13.84 -0.42 -13.57
N ASP A 93 -13.07 -1.31 -14.17
CA ASP A 93 -13.64 -2.34 -15.05
C ASP A 93 -14.56 -3.30 -14.31
N ARG A 94 -14.38 -3.47 -13.01
CA ARG A 94 -15.24 -4.36 -12.22
C ARG A 94 -16.41 -3.66 -11.50
N GLY A 95 -16.70 -2.41 -11.84
CA GLY A 95 -17.92 -1.72 -11.36
C GLY A 95 -17.68 -0.81 -10.16
N PHE A 96 -16.43 -0.51 -9.82
CA PHE A 96 -16.13 0.30 -8.62
C PHE A 96 -15.89 1.74 -9.01
N LEU A 97 -16.54 2.69 -8.33
CA LEU A 97 -16.42 4.12 -8.63
C LEU A 97 -15.13 4.64 -8.00
N GLU A 98 -14.33 5.35 -8.80
CA GLU A 98 -13.06 5.98 -8.34
C GLU A 98 -13.31 7.25 -7.50
N ILE A 99 -12.78 7.26 -6.29
CA ILE A 99 -12.87 8.40 -5.37
C ILE A 99 -11.52 9.13 -5.20
N LYS A 100 -11.56 10.45 -5.09
CA LYS A 100 -10.41 11.28 -4.73
C LYS A 100 -10.85 12.24 -3.64
N SER A 101 -10.55 11.87 -2.41
CA SER A 101 -11.01 12.58 -1.23
C SER A 101 -9.82 13.27 -0.54
N PRO A 102 -10.10 14.16 0.43
CA PRO A 102 -9.03 14.95 1.02
C PRO A 102 -7.99 14.10 1.73
N ILE A 103 -6.75 14.53 1.65
CA ILE A 103 -5.66 13.90 2.37
C ILE A 103 -5.55 14.49 3.77
N LEU A 104 -5.80 15.78 3.89
CA LEU A 104 -5.84 16.51 5.15
C LEU A 104 -7.30 16.45 5.66
N ILE A 105 -7.52 15.82 6.81
CA ILE A 105 -8.85 15.51 7.32
C ILE A 105 -9.02 16.03 8.76
N PRO A 106 -10.27 16.24 9.22
CA PRO A 106 -10.46 16.68 10.60
C PRO A 106 -9.98 15.64 11.60
N LEU A 107 -9.35 16.12 12.66
CA LEU A 107 -8.93 15.26 13.74
C LEU A 107 -10.10 14.46 14.33
N GLU A 108 -11.30 15.05 14.34
CA GLU A 108 -12.48 14.37 14.86
C GLU A 108 -12.75 13.06 14.14
N TYR A 109 -12.33 12.94 12.89
CA TYR A 109 -12.58 11.69 12.15
C TYR A 109 -11.82 10.51 12.80
N ILE A 110 -10.67 10.81 13.38
CA ILE A 110 -9.81 9.83 14.03
C ILE A 110 -10.47 9.29 15.27
N GLU A 111 -11.01 10.18 16.10
CA GLU A 111 -11.73 9.77 17.30
C GLU A 111 -12.97 8.99 16.89
N ARG A 112 -13.66 9.47 15.87
CA ARG A 112 -14.85 8.80 15.43
C ARG A 112 -14.53 7.43 14.85
N MET A 113 -13.28 7.21 14.44
CA MET A 113 -12.81 5.87 14.05
C MET A 113 -12.51 4.95 15.24
N GLY A 114 -12.83 5.39 16.46
CA GLY A 114 -12.55 4.59 17.64
C GLY A 114 -11.08 4.58 18.05
N ILE A 115 -10.33 5.62 17.67
CA ILE A 115 -8.93 5.77 18.07
C ILE A 115 -8.84 6.84 19.17
N ASP A 116 -8.97 6.41 20.42
CA ASP A 116 -8.91 7.35 21.57
C ASP A 116 -7.46 7.72 21.85
N ASN A 117 -7.27 8.86 22.50
CA ASN A 117 -5.92 9.41 22.80
C ASN A 117 -4.96 8.49 23.59
N ASP A 118 -5.48 7.40 24.18
CA ASP A 118 -4.64 6.38 24.81
C ASP A 118 -4.01 5.42 23.79
N THR A 119 -4.76 5.05 22.76
CA THR A 119 -4.31 4.04 21.75
C THR A 119 -2.96 4.39 21.09
N GLU A 120 -2.21 3.35 20.70
CA GLU A 120 -0.87 3.53 20.12
C GLU A 120 -0.93 4.13 18.72
N LEU A 121 -1.97 3.79 17.96
CA LEU A 121 -2.19 4.42 16.65
C LEU A 121 -2.42 5.94 16.79
N SER A 122 -2.92 6.38 17.96
CA SER A 122 -3.05 7.81 18.24
C SER A 122 -1.72 8.55 18.32
N LYS A 123 -0.68 7.84 18.73
CA LYS A 123 0.66 8.43 18.79
C LYS A 123 1.26 8.53 17.39
N GLN A 124 0.74 7.77 16.44
CA GLN A 124 1.31 7.71 15.10
C GLN A 124 0.76 8.77 14.14
N ILE A 125 -0.09 9.66 14.63
CA ILE A 125 -0.81 10.59 13.79
C ILE A 125 -0.08 11.92 13.64
N PHE A 126 0.12 12.36 12.39
CA PHE A 126 0.69 13.68 12.11
C PHE A 126 -0.41 14.75 12.18
N ARG A 127 -0.35 15.58 13.21
CA ARG A 127 -1.29 16.68 13.41
C ARG A 127 -0.85 17.89 12.61
N VAL A 128 -1.78 18.73 12.17
CA VAL A 128 -1.41 19.87 11.32
C VAL A 128 -1.75 21.23 11.96
N ASP A 129 -2.99 21.44 12.38
CA ASP A 129 -3.28 22.63 13.22
C ASP A 129 -3.80 22.11 14.56
N LYS A 130 -4.71 22.87 15.17
CA LYS A 130 -5.49 22.38 16.29
C LYS A 130 -6.47 21.31 15.80
N ASN A 131 -6.90 21.41 14.55
CA ASN A 131 -8.11 20.71 14.11
C ASN A 131 -7.96 19.64 13.04
N PHE A 132 -6.80 19.53 12.41
CA PHE A 132 -6.64 18.64 11.27
C PHE A 132 -5.46 17.70 11.48
N CYS A 133 -5.38 16.70 10.62
CA CYS A 133 -4.25 15.77 10.61
C CYS A 133 -4.11 15.25 9.19
N LEU A 134 -2.96 14.63 8.89
CA LEU A 134 -2.77 13.84 7.67
C LEU A 134 -3.43 12.49 7.89
N ARG A 135 -4.24 12.05 6.94
CA ARG A 135 -5.02 10.85 7.15
C ARG A 135 -4.10 9.65 7.30
N PRO A 136 -4.31 8.85 8.35
CA PRO A 136 -3.52 7.65 8.49
C PRO A 136 -4.15 6.45 7.79
N MET A 137 -5.37 6.64 7.28
CA MET A 137 -6.12 5.59 6.58
C MET A 137 -7.21 6.22 5.72
N LEU A 138 -7.75 5.43 4.79
CA LEU A 138 -8.81 5.89 3.89
C LEU A 138 -10.23 5.73 4.45
N ALA A 139 -10.42 4.92 5.49
CA ALA A 139 -11.76 4.53 5.92
C ALA A 139 -12.74 5.68 6.24
N PRO A 140 -12.28 6.72 6.94
CA PRO A 140 -13.26 7.75 7.27
C PRO A 140 -13.89 8.42 6.06
N ASN A 141 -13.09 8.80 5.05
CA ASN A 141 -13.68 9.40 3.86
C ASN A 141 -14.52 8.40 3.09
N LEU A 142 -14.13 7.13 3.09
CA LEU A 142 -14.94 6.14 2.36
C LEU A 142 -16.28 5.88 3.07
N TYR A 143 -16.28 5.87 4.38
CA TYR A 143 -17.53 5.78 5.12
C TYR A 143 -18.50 6.89 4.72
N ASN A 144 -18.00 8.12 4.66
CA ASN A 144 -18.85 9.26 4.31
C ASN A 144 -19.38 9.16 2.88
N TYR A 145 -18.55 8.71 1.96
CA TYR A 145 -19.01 8.51 0.58
C TYR A 145 -20.05 7.39 0.50
N LEU A 146 -19.84 6.30 1.24
CA LEU A 146 -20.84 5.23 1.27
C LEU A 146 -22.20 5.76 1.71
N ARG A 147 -22.24 6.46 2.84
CA ARG A 147 -23.51 7.03 3.33
C ARG A 147 -24.14 7.96 2.30
N LYS A 148 -23.34 8.83 1.69
CA LYS A 148 -23.93 9.83 0.79
C LYS A 148 -24.44 9.25 -0.52
N LEU A 149 -23.63 8.37 -1.10
CA LEU A 149 -23.96 7.77 -2.38
C LEU A 149 -25.13 6.83 -2.26
N ASP A 150 -25.41 6.33 -1.04
CA ASP A 150 -26.57 5.46 -0.84
C ASP A 150 -27.91 6.17 -1.14
N ARG A 151 -27.89 7.50 -1.18
CA ARG A 151 -29.11 8.25 -1.51
C ARG A 151 -29.28 8.39 -3.02
N ALA A 152 -28.25 8.04 -3.78
CA ALA A 152 -28.29 8.23 -5.23
C ALA A 152 -28.07 6.97 -6.08
N LEU A 153 -27.30 6.02 -5.60
CA LEU A 153 -26.85 4.93 -6.45
C LEU A 153 -27.58 3.62 -6.16
N PRO A 154 -27.75 2.78 -7.20
CA PRO A 154 -28.44 1.53 -6.95
C PRO A 154 -27.52 0.56 -6.20
N ASP A 155 -28.13 -0.26 -5.37
CA ASP A 155 -27.51 -1.39 -4.70
C ASP A 155 -26.94 -2.41 -5.71
N PRO A 156 -25.70 -2.90 -5.49
CA PRO A 156 -24.81 -2.53 -4.41
C PRO A 156 -23.95 -1.33 -4.75
N ILE A 157 -23.40 -0.69 -3.74
CA ILE A 157 -22.54 0.44 -3.96
C ILE A 157 -21.08 0.01 -3.80
N LYS A 158 -20.31 0.25 -4.85
CA LYS A 158 -18.95 -0.22 -4.99
C LYS A 158 -18.03 0.97 -5.23
N ILE A 159 -17.09 1.22 -4.32
CA ILE A 159 -16.17 2.36 -4.44
C ILE A 159 -14.73 1.98 -4.09
N PHE A 160 -13.77 2.79 -4.54
CA PHE A 160 -12.40 2.62 -4.14
C PHE A 160 -11.65 3.95 -4.20
N GLU A 161 -10.59 4.05 -3.41
CA GLU A 161 -9.71 5.17 -3.44
C GLU A 161 -8.29 4.63 -3.38
N ILE A 162 -7.40 5.35 -4.05
CA ILE A 162 -5.96 5.14 -3.97
C ILE A 162 -5.32 6.48 -3.64
N GLY A 163 -4.48 6.51 -2.61
CA GLY A 163 -3.77 7.74 -2.31
C GLY A 163 -2.88 7.68 -1.09
N PRO A 164 -2.16 8.77 -0.83
CA PRO A 164 -1.23 8.87 0.29
C PRO A 164 -1.91 8.80 1.67
N CYS A 165 -1.28 8.06 2.58
CA CYS A 165 -1.59 8.06 4.01
C CYS A 165 -0.27 8.18 4.79
N TYR A 166 -0.40 8.54 6.07
CA TYR A 166 0.70 8.95 6.89
C TYR A 166 0.61 8.38 8.30
N ARG A 167 1.70 7.75 8.75
CA ARG A 167 1.84 7.30 10.11
C ARG A 167 3.30 7.47 10.55
N LYS A 168 3.53 8.00 11.75
CA LYS A 168 4.86 8.03 12.38
C LYS A 168 5.19 6.62 12.86
N GLU A 169 6.22 5.99 12.31
CA GLU A 169 6.47 4.56 12.56
C GLU A 169 7.68 4.34 13.44
N SER A 170 7.74 3.15 14.05
CA SER A 170 8.87 2.73 14.90
C SER A 170 9.82 1.74 14.19
N ASP A 171 9.53 1.40 12.92
CA ASP A 171 10.38 0.53 12.11
C ASP A 171 10.58 1.09 10.68
N GLY A 172 11.47 0.46 9.91
CA GLY A 172 11.75 0.90 8.55
C GLY A 172 12.22 -0.18 7.58
N LYS A 173 11.79 -1.42 7.80
CA LYS A 173 12.04 -2.52 6.86
C LYS A 173 10.79 -2.78 6.00
N GLU A 174 9.60 -2.70 6.61
CA GLU A 174 8.30 -2.83 5.90
C GLU A 174 7.35 -1.63 6.11
N HIS A 175 7.76 -0.64 6.90
CA HIS A 175 6.90 0.48 7.26
C HIS A 175 7.50 1.82 6.79
N LEU A 176 6.67 2.63 6.13
CA LEU A 176 7.08 3.97 5.73
C LEU A 176 6.26 4.94 6.54
N GLU A 177 6.73 6.16 6.64
CA GLU A 177 5.93 7.19 7.25
C GLU A 177 4.91 7.75 6.27
N GLU A 178 5.31 7.81 5.01
CA GLU A 178 4.49 8.26 3.90
C GLU A 178 4.28 7.10 2.96
N PHE A 179 3.06 6.61 2.86
CA PHE A 179 2.79 5.46 2.00
C PHE A 179 1.52 5.69 1.18
N THR A 180 1.18 4.72 0.34
CA THR A 180 0.07 4.84 -0.57
C THR A 180 -0.84 3.65 -0.35
N MET A 181 -2.10 3.91 -0.08
CA MET A 181 -3.08 2.84 0.19
CA MET A 181 -3.07 2.83 0.19
C MET A 181 -4.05 2.76 -0.96
N LEU A 182 -4.42 1.55 -1.32
CA LEU A 182 -5.63 1.25 -2.07
C LEU A 182 -6.64 0.77 -1.01
N ASN A 183 -7.84 1.35 -0.97
CA ASN A 183 -8.96 0.76 -0.25
C ASN A 183 -10.15 0.63 -1.17
N PHE A 184 -10.73 -0.57 -1.23
CA PHE A 184 -12.00 -0.76 -1.92
C PHE A 184 -13.06 -1.29 -0.97
N CYS A 185 -14.32 -1.00 -1.28
CA CYS A 185 -15.41 -1.59 -0.54
C CYS A 185 -16.72 -1.65 -1.31
N GLN A 186 -17.56 -2.58 -0.86
CA GLN A 186 -18.88 -2.79 -1.43
C GLN A 186 -19.88 -2.77 -0.29
N MET A 187 -21.01 -2.11 -0.51
CA MET A 187 -22.10 -2.02 0.49
C MET A 187 -23.46 -2.37 -0.10
N GLY A 188 -24.23 -3.17 0.64
CA GLY A 188 -25.58 -3.64 0.22
C GLY A 188 -25.55 -5.13 -0.04
N SER A 189 -26.03 -5.55 -1.20
CA SER A 189 -26.11 -6.97 -1.55
C SER A 189 -24.75 -7.52 -1.99
N GLY A 190 -24.57 -8.84 -1.86
CA GLY A 190 -23.34 -9.51 -2.27
C GLY A 190 -22.15 -9.35 -1.32
N CYS A 191 -22.37 -8.88 -0.11
CA CYS A 191 -21.27 -8.58 0.81
C CYS A 191 -20.90 -9.79 1.65
N THR A 192 -20.32 -10.77 0.99
CA THR A 192 -19.93 -12.00 1.66
C THR A 192 -18.43 -12.16 1.68
N ARG A 193 -18.00 -13.00 2.61
CA ARG A 193 -16.65 -13.42 2.74
C ARG A 193 -16.14 -14.09 1.46
N GLU A 194 -16.93 -14.97 0.85
CA GLU A 194 -16.55 -15.60 -0.42
C GLU A 194 -16.26 -14.56 -1.52
N ASN A 195 -17.11 -13.53 -1.63
CA ASN A 195 -16.96 -12.49 -2.65
C ASN A 195 -15.78 -11.58 -2.38
N LEU A 196 -15.54 -11.29 -1.12
CA LEU A 196 -14.36 -10.55 -0.75
C LEU A 196 -13.09 -11.33 -1.14
N GLU A 197 -13.04 -12.62 -0.83
CA GLU A 197 -11.88 -13.43 -1.17
C GLU A 197 -11.68 -13.58 -2.68
N SER A 198 -12.78 -13.63 -3.42
CA SER A 198 -12.70 -13.76 -4.86
C SER A 198 -12.13 -12.48 -5.49
N ILE A 199 -12.52 -11.32 -4.99
CA ILE A 199 -12.02 -10.08 -5.56
C ILE A 199 -10.53 -9.93 -5.22
N ILE A 200 -10.18 -10.24 -3.99
CA ILE A 200 -8.78 -10.22 -3.60
C ILE A 200 -7.97 -11.20 -4.44
N THR A 201 -8.52 -12.39 -4.65
CA THR A 201 -7.82 -13.42 -5.41
C THR A 201 -7.62 -12.94 -6.87
N ASP A 202 -8.67 -12.41 -7.51
CA ASP A 202 -8.57 -11.94 -8.90
C ASP A 202 -7.55 -10.78 -9.03
N PHE A 203 -7.55 -9.89 -8.03
CA PHE A 203 -6.71 -8.70 -8.02
C PHE A 203 -5.25 -9.08 -7.97
N LEU A 204 -4.88 -9.92 -6.99
CA LEU A 204 -3.46 -10.28 -6.81
C LEU A 204 -2.93 -11.21 -7.91
N ASN A 205 -3.77 -12.12 -8.43
CA ASN A 205 -3.38 -12.93 -9.58
C ASN A 205 -3.23 -12.08 -10.86
N HIS A 206 -4.02 -11.03 -11.00
CA HIS A 206 -3.88 -10.05 -12.11
C HIS A 206 -2.52 -9.33 -12.01
N LEU A 207 -2.12 -8.95 -10.80
CA LEU A 207 -0.83 -8.30 -10.60
C LEU A 207 0.36 -9.25 -10.61
N GLY A 208 0.12 -10.55 -10.55
CA GLY A 208 1.19 -11.51 -10.40
C GLY A 208 1.87 -11.51 -9.05
N ILE A 209 1.11 -11.41 -7.96
CA ILE A 209 1.68 -11.46 -6.61
C ILE A 209 1.16 -12.66 -5.83
N ASP A 210 2.08 -13.48 -5.32
CA ASP A 210 1.73 -14.68 -4.55
C ASP A 210 1.20 -14.30 -3.17
N PHE A 211 0.22 -15.04 -2.66
CA PHE A 211 -0.39 -14.68 -1.39
C PHE A 211 -1.12 -15.85 -0.76
N LYS A 212 -1.48 -15.69 0.50
CA LYS A 212 -2.42 -16.55 1.18
C LYS A 212 -3.27 -15.70 2.12
N ILE A 213 -4.52 -16.10 2.26
CA ILE A 213 -5.49 -15.42 3.08
C ILE A 213 -5.60 -16.18 4.38
N VAL A 214 -5.25 -15.54 5.50
CA VAL A 214 -5.42 -16.15 6.83
C VAL A 214 -6.50 -15.41 7.60
N GLY A 215 -7.36 -16.16 8.27
CA GLY A 215 -8.40 -15.57 9.12
C GLY A 215 -8.88 -16.58 10.13
N ASP A 216 -9.67 -16.13 11.10
CA ASP A 216 -10.26 -17.02 12.10
C ASP A 216 -11.05 -18.16 11.44
N SER A 217 -11.02 -19.33 12.06
CA SER A 217 -11.58 -20.56 11.47
C SER A 217 -13.05 -20.43 11.03
N CYS A 218 -13.97 -20.36 11.99
CA CYS A 218 -15.42 -20.43 11.74
C CYS A 218 -16.12 -19.07 11.83
N MET A 219 -15.41 -17.99 11.55
CA MET A 219 -15.97 -16.62 11.64
C MET A 219 -16.81 -16.25 10.41
N VAL A 220 -18.03 -15.76 10.65
CA VAL A 220 -18.98 -15.42 9.58
C VAL A 220 -19.25 -13.91 9.45
N TYR A 221 -19.84 -13.32 10.50
CA TYR A 221 -20.37 -11.94 10.45
C TYR A 221 -19.28 -10.85 10.41
N GLY A 222 -18.60 -10.62 11.54
CA GLY A 222 -17.63 -9.51 11.65
C GLY A 222 -16.17 -9.90 11.51
N ASP A 223 -15.84 -10.59 10.43
CA ASP A 223 -14.49 -11.17 10.23
C ASP A 223 -13.42 -10.14 9.89
N THR A 224 -12.18 -10.47 10.27
CA THR A 224 -10.95 -9.81 9.82
C THR A 224 -10.02 -10.84 9.22
N LEU A 225 -9.62 -10.60 7.98
CA LEU A 225 -8.73 -11.48 7.25
C LEU A 225 -7.47 -10.70 6.93
N ASP A 226 -6.33 -11.39 7.03
CA ASP A 226 -5.08 -10.83 6.60
C ASP A 226 -4.61 -11.51 5.33
N VAL A 227 -4.19 -10.71 4.36
CA VAL A 227 -3.59 -11.22 3.16
C VAL A 227 -2.07 -11.10 3.33
N MET A 228 -1.40 -12.25 3.33
CA MET A 228 0.01 -12.36 3.63
C MET A 228 0.82 -12.80 2.41
N HIS A 229 2.03 -12.25 2.31
CA HIS A 229 3.10 -12.78 1.45
C HIS A 229 4.25 -13.20 2.37
N GLY A 230 4.33 -14.50 2.68
CA GLY A 230 5.24 -14.97 3.73
C GLY A 230 4.89 -14.28 5.04
N ASP A 231 5.85 -13.61 5.65
CA ASP A 231 5.61 -12.88 6.91
C ASP A 231 5.19 -11.42 6.71
N LEU A 232 5.06 -11.00 5.45
CA LEU A 232 4.68 -9.63 5.12
C LEU A 232 3.18 -9.50 4.89
N GLU A 233 2.52 -8.62 5.64
CA GLU A 233 1.09 -8.33 5.46
C GLU A 233 0.87 -7.44 4.25
N LEU A 234 0.09 -7.89 3.27
CA LEU A 234 -0.22 -7.06 2.11
C LEU A 234 -1.47 -6.23 2.36
N SER A 235 -2.40 -6.82 3.09
CA SER A 235 -3.69 -6.20 3.36
C SER A 235 -4.31 -6.74 4.60
N SER A 236 -5.11 -5.90 5.23
CA SER A 236 -6.13 -6.38 6.16
C SER A 236 -7.50 -6.10 5.53
N ALA A 237 -8.42 -7.03 5.73
CA ALA A 237 -9.71 -6.96 5.07
C ALA A 237 -10.80 -7.25 6.08
N VAL A 238 -12.00 -6.71 5.84
CA VAL A 238 -13.09 -6.81 6.79
C VAL A 238 -14.39 -7.21 6.10
N VAL A 239 -15.14 -8.08 6.75
CA VAL A 239 -16.52 -8.41 6.38
C VAL A 239 -17.40 -7.76 7.42
N GLY A 240 -18.11 -6.69 7.04
CA GLY A 240 -19.06 -6.03 7.93
C GLY A 240 -20.39 -6.78 7.97
N PRO A 241 -21.39 -6.27 8.69
CA PRO A 241 -21.28 -5.04 9.49
C PRO A 241 -20.46 -5.20 10.79
N ILE A 242 -20.05 -4.06 11.36
CA ILE A 242 -19.38 -3.99 12.64
C ILE A 242 -19.99 -2.81 13.42
N PRO A 243 -19.85 -2.81 14.75
CA PRO A 243 -20.50 -1.75 15.57
C PRO A 243 -20.12 -0.31 15.21
N LEU A 244 -18.88 -0.11 14.73
CA LEU A 244 -18.42 1.24 14.42
C LEU A 244 -19.25 1.87 13.27
N ASP A 245 -19.87 1.05 12.44
CA ASP A 245 -20.69 1.54 11.31
C ASP A 245 -21.70 2.63 11.70
N ARG A 246 -22.33 2.45 12.86
CA ARG A 246 -23.38 3.36 13.28
C ARG A 246 -22.89 4.77 13.55
N GLU A 247 -21.63 4.92 13.99
CA GLU A 247 -21.00 6.25 14.12
C GLU A 247 -20.94 7.01 12.81
N TRP A 248 -20.94 6.30 11.69
CA TRP A 248 -20.87 6.89 10.35
C TRP A 248 -22.17 6.85 9.58
N GLY A 249 -23.28 6.50 10.24
CA GLY A 249 -24.59 6.49 9.58
C GLY A 249 -24.73 5.36 8.58
N ILE A 250 -24.01 4.27 8.80
CA ILE A 250 -24.07 3.10 7.93
C ILE A 250 -24.83 1.99 8.68
N ASP A 251 -25.84 1.38 8.06
CA ASP A 251 -26.63 0.28 8.63
CA ASP A 251 -26.60 0.26 8.65
C ASP A 251 -26.89 -0.84 7.60
N LYS A 252 -25.91 -1.11 6.74
CA LYS A 252 -26.06 -2.19 5.74
C LYS A 252 -24.84 -3.08 5.79
N PRO A 253 -24.96 -4.30 5.29
CA PRO A 253 -23.76 -5.13 5.16
C PRO A 253 -22.71 -4.53 4.22
N TRP A 254 -21.44 -4.82 4.46
CA TRP A 254 -20.38 -4.35 3.58
C TRP A 254 -19.15 -5.25 3.65
N ILE A 255 -18.31 -5.17 2.64
CA ILE A 255 -16.98 -5.81 2.63
C ILE A 255 -15.93 -4.83 2.14
N GLY A 256 -14.69 -5.01 2.59
CA GLY A 256 -13.64 -4.08 2.16
C GLY A 256 -12.22 -4.55 2.46
N ALA A 257 -11.24 -3.94 1.81
CA ALA A 257 -9.85 -4.28 2.10
C ALA A 257 -8.97 -3.13 1.76
N GLY A 258 -7.86 -2.99 2.47
CA GLY A 258 -6.85 -1.98 2.24
C GLY A 258 -5.52 -2.63 1.93
N PHE A 259 -4.83 -2.13 0.91
CA PHE A 259 -3.53 -2.67 0.47
C PHE A 259 -2.53 -1.53 0.37
N GLY A 260 -1.32 -1.74 0.87
CA GLY A 260 -0.23 -0.76 0.67
C GLY A 260 0.42 -0.92 -0.70
N LEU A 261 0.42 0.11 -1.54
CA LEU A 261 1.02 -0.03 -2.87
C LEU A 261 2.53 -0.31 -2.84
N GLU A 262 3.24 0.34 -1.92
CA GLU A 262 4.70 0.10 -1.75
C GLU A 262 5.03 -1.33 -1.36
N ARG A 263 4.21 -1.96 -0.52
CA ARG A 263 4.40 -3.40 -0.23
C ARG A 263 4.16 -4.27 -1.45
N LEU A 264 3.16 -3.93 -2.23
CA LEU A 264 2.93 -4.65 -3.47
C LEU A 264 4.14 -4.52 -4.40
N LEU A 265 4.68 -3.31 -4.58
CA LEU A 265 5.84 -3.11 -5.46
C LEU A 265 7.06 -3.87 -4.95
N LYS A 266 7.27 -3.82 -3.64
CA LYS A 266 8.40 -4.50 -3.01
C LYS A 266 8.37 -5.99 -3.31
N VAL A 267 7.18 -6.60 -3.24
CA VAL A 267 7.04 -8.02 -3.53
C VAL A 267 7.20 -8.25 -5.03
N LYS A 268 6.55 -7.44 -5.84
CA LYS A 268 6.61 -7.67 -7.28
C LYS A 268 8.02 -7.50 -7.86
N HIS A 269 8.77 -6.53 -7.34
CA HIS A 269 10.08 -6.25 -7.90
C HIS A 269 11.20 -6.85 -7.07
N ASP A 270 10.85 -7.51 -5.95
CA ASP A 270 11.82 -8.22 -5.14
C ASP A 270 12.83 -7.28 -4.47
N PHE A 271 12.39 -6.10 -4.06
CA PHE A 271 13.24 -5.16 -3.36
C PHE A 271 13.48 -5.68 -1.94
N LYS A 272 14.71 -5.57 -1.46
CA LYS A 272 15.06 -5.96 -0.08
C LYS A 272 14.59 -4.93 0.95
N ASN A 273 14.51 -3.67 0.55
CA ASN A 273 14.03 -2.62 1.42
C ASN A 273 12.89 -1.84 0.80
N ILE A 274 11.82 -1.65 1.56
CA ILE A 274 10.62 -0.96 1.09
C ILE A 274 10.84 0.52 0.71
N LYS A 275 11.90 1.13 1.24
CA LYS A 275 12.27 2.51 0.84
C LYS A 275 12.50 2.64 -0.67
N ARG A 276 12.81 1.53 -1.33
CA ARG A 276 13.03 1.51 -2.78
C ARG A 276 11.76 1.64 -3.60
N ALA A 277 10.62 1.48 -2.93
CA ALA A 277 9.31 1.54 -3.57
C ALA A 277 8.56 2.82 -3.23
N ALA A 278 9.12 3.65 -2.36
CA ALA A 278 8.40 4.83 -1.87
C ALA A 278 8.56 6.04 -2.78
N ARG A 279 7.67 7.02 -2.60
CA ARG A 279 7.94 8.38 -3.02
C ARG A 279 9.28 8.78 -2.44
N SER A 280 10.21 9.25 -3.27
CA SER A 280 11.58 9.42 -2.77
C SER A 280 12.41 10.30 -3.65
N GLU A 281 13.43 10.91 -3.05
CA GLU A 281 14.52 11.58 -3.78
C GLU A 281 15.79 10.70 -3.93
N SER A 282 15.79 9.51 -3.33
CA SER A 282 16.96 8.63 -3.23
C SER A 282 16.86 7.42 -4.15
N TYR A 283 15.63 7.06 -4.53
CA TYR A 283 15.43 5.94 -5.43
C TYR A 283 14.39 6.30 -6.48
N TYR A 284 14.63 5.87 -7.71
CA TYR A 284 13.67 6.03 -8.80
C TYR A 284 13.43 4.64 -9.37
N ASN A 285 12.19 4.15 -9.27
CA ASN A 285 11.85 2.81 -9.74
C ASN A 285 12.87 1.78 -9.18
N GLY A 286 13.21 1.93 -7.90
CA GLY A 286 14.15 1.02 -7.26
C GLY A 286 15.64 1.21 -7.54
N ILE A 287 15.99 2.23 -8.34
CA ILE A 287 17.38 2.50 -8.73
C ILE A 287 17.90 3.69 -7.95
N SER A 288 19.07 3.57 -7.33
CA SER A 288 19.65 4.67 -6.58
C SER A 288 19.78 5.89 -7.48
N THR A 289 19.39 7.05 -6.98
CA THR A 289 19.63 8.31 -7.68
C THR A 289 20.94 8.98 -7.26
N ASN A 290 21.68 8.37 -6.33
CA ASN A 290 22.96 8.90 -5.84
C ASN A 290 24.13 8.22 -6.54
N LEU A 291 24.28 8.60 -7.81
CA LEU A 291 25.26 8.01 -8.72
C LEU A 291 26.45 8.96 -8.97
C YLB B . -6.10 -0.05 7.56
N YLB B . -8.45 0.32 7.77
O YLB B . -5.55 1.00 7.84
N1 YLB B . 3.94 1.58 5.51
C2 YLB B . 3.60 0.88 4.39
C3 YLB B . -15.49 2.07 4.93
N3 YLB B . 2.41 0.25 4.24
C4 YLB B . 1.51 0.30 5.27
C5 YLB B . 1.81 1.03 6.51
C6 YLB B . 3.13 1.69 6.58
N6 YLB B . 3.51 2.38 7.69
N7 YLB B . 0.75 0.90 7.33
C8 YLB B . -0.18 0.14 6.67
N9 YLB B . 0.29 -0.21 5.43
CA YLB B . -7.41 -0.03 6.82
CB YLB B . -7.62 -1.36 6.05
C1' YLB B . -0.39 -0.99 4.39
C2' YLB B . -0.16 -2.47 4.52
O2' YLB B . -0.21 -3.04 3.21
C3' YLB B . -1.35 -2.92 5.33
O3' YLB B . -1.66 -4.31 5.20
C4' YLB B . -2.43 -2.08 4.71
O4' YLB B . -1.80 -0.81 4.49
C5' YLB B . -3.64 -1.99 5.61
O5' YLB B . -3.29 -1.23 6.75
OAD YLB B . -12.69 -0.95 3.63
OAF YLB B . -3.48 -0.54 9.14
OAI YLB B . -3.80 -3.03 8.45
CAM YLB B . -9.87 -2.02 5.20
CAN YLB B . -8.91 -2.14 6.36
CAO YLB B . -11.28 -2.44 5.57
NAW YLB B . -12.11 -1.26 5.80
OAY YLB B . -5.52 -1.33 7.94
CBA YLB B . -12.74 -0.61 4.82
CBF YLB B . -14.71 0.92 4.36
CBK YLB B . -13.52 0.61 5.28
PBN YLB B . -3.96 -1.55 8.16
MG MG C . -3.23 -4.78 10.52
C1 EDO D . 4.80 -1.26 -11.58
O1 EDO D . 5.39 -2.53 -11.38
C2 EDO D . 3.72 -1.41 -12.63
O2 EDO D . 2.94 -2.57 -12.34
C1 EDO E . 9.34 3.68 -6.51
O1 EDO E . 10.12 2.62 -7.11
C2 EDO E . 9.02 4.70 -7.55
O2 EDO E . 10.04 5.70 -7.56
C1 EDO F . -26.67 2.56 4.48
O1 EDO F . -26.78 2.35 5.89
C2 EDO F . -26.14 3.96 4.24
O2 EDO F . -27.17 4.90 4.50
C1 EDO G . -18.61 14.26 5.31
O1 EDO G . -19.94 14.08 5.84
C2 EDO G . -18.28 15.73 5.12
O2 EDO G . -19.39 16.39 4.55
C1 EDO H . 2.36 -17.67 1.14
O1 EDO H . 2.44 -16.61 2.08
C2 EDO H . 3.29 -17.39 -0.03
O2 EDO H . 3.18 -16.02 -0.42
#